data_2N1Q
#
_entry.id   2N1Q
#
_entity_poly.entity_id   1
_entity_poly.type   'polyribonucleotide'
_entity_poly.pdbx_seq_one_letter_code
;GGUGCCCGUCUGUUGUGUGACUCUGGUGAGAGCCAGAGGAGAUCUCUCGACGCAGGACUCGGCUUGCUGGAGACGGCAAG
AGGCGAGGGGCGGCGACUGGUGAGUACGCCAAAAAUUUUGACUAGCGGAGGCUAGAAGGAGAGAGAUGGGUGCCC
;
_entity_poly.pdbx_strand_id   A
#
loop_
_chem_comp.id
_chem_comp.type
_chem_comp.name
_chem_comp.formula
A RNA linking ADENOSINE-5'-MONOPHOSPHATE 'C10 H14 N5 O7 P'
C RNA linking CYTIDINE-5'-MONOPHOSPHATE 'C9 H14 N3 O8 P'
G RNA linking GUANOSINE-5'-MONOPHOSPHATE 'C10 H14 N5 O8 P'
U RNA linking URIDINE-5'-MONOPHOSPHATE 'C9 H13 N2 O9 P'
#